data_8XR3
#
_entry.id   8XR3
#
_cell.length_a   109.325
_cell.length_b   109.325
_cell.length_c   140.990
_cell.angle_alpha   90.000
_cell.angle_beta   90.000
_cell.angle_gamma   90.000
#
_symmetry.space_group_name_H-M   'I 4'
#
loop_
_entity.id
_entity.type
_entity.pdbx_description
1 polymer 'Aldo/keto reductase'
2 water water
#
_entity_poly.entity_id   1
_entity_poly.type   'polypeptide(L)'
_entity_poly.pdbx_seq_one_letter_code
;MEYTQLGRIGLKVSRLVLGTMNFGPTTDEAESHAIMDAALDAGINFFDTANVYGWGENKGRTEEILGSWFAQGGDRRDKV
VLATKVYGNMGLDGPAWPNHDKLSALNIRRSVDASLKRLGTDHIDLYQFHHVDRDTPWDEIWQAMDVLVRQGKILYVGSS
NFAGWNIAQANETAARHGRLGLVSEQCLYNLCERRAEMEVVPAAREYGLGVIAWSPLHGGLLGGAIRKEQEGGNRRAASG
RAADALKDPQQREQIQRYEDLLDKHGLEPGEVALAWLLTRPGVTGPIVGPRTADQLASAVRAAELTLTDEVLTALDEIFP
GPGPSPEAFAW
;
_entity_poly.pdbx_strand_id   C,A
#
# COMPACT_ATOMS: atom_id res chain seq x y z
N MET A 1 17.68 18.11 23.40
CA MET A 1 16.50 17.40 22.82
C MET A 1 16.30 17.87 21.39
N GLU A 2 16.12 16.92 20.47
CA GLU A 2 15.94 17.24 19.07
C GLU A 2 14.45 17.49 18.78
N TYR A 3 14.16 18.61 18.11
CA TYR A 3 12.80 18.94 17.74
C TYR A 3 12.58 18.86 16.23
N THR A 4 11.33 18.66 15.82
CA THR A 4 10.98 18.73 14.41
C THR A 4 9.55 19.23 14.25
N GLN A 5 9.18 19.62 13.02
CA GLN A 5 7.78 19.92 12.77
C GLN A 5 7.07 18.58 12.63
N LEU A 6 5.81 18.51 13.05
CA LEU A 6 5.01 17.33 12.76
C LEU A 6 4.53 17.38 11.30
N GLY A 7 5.27 16.67 10.42
CA GLY A 7 4.95 16.67 9.01
C GLY A 7 5.01 18.09 8.47
N ARG A 8 3.96 18.48 7.72
CA ARG A 8 3.87 19.78 7.06
C ARG A 8 3.41 20.92 7.98
N ILE A 9 2.96 20.63 9.22
CA ILE A 9 2.24 21.64 10.00
C ILE A 9 3.17 22.47 10.89
N GLY A 10 2.59 23.47 11.56
CA GLY A 10 3.31 24.48 12.33
C GLY A 10 3.70 24.03 13.74
N LEU A 11 3.16 22.88 14.13
CA LEU A 11 3.42 22.29 15.43
C LEU A 11 4.81 21.65 15.50
N LYS A 12 5.56 22.07 16.52
CA LYS A 12 6.87 21.51 16.81
C LYS A 12 6.74 20.45 17.90
N VAL A 13 7.39 19.31 17.68
CA VAL A 13 7.36 18.23 18.66
C VAL A 13 8.75 17.66 18.86
N SER A 14 8.98 17.14 20.07
CA SER A 14 10.16 16.32 20.31
C SER A 14 10.16 15.11 19.36
N ARG A 15 11.35 14.69 18.93
CA ARG A 15 11.49 13.50 18.11
C ARG A 15 11.25 12.24 18.95
N LEU A 16 11.15 12.39 20.27
CA LEU A 16 10.73 11.28 21.11
C LEU A 16 9.28 11.51 21.52
N VAL A 17 8.44 10.50 21.33
CA VAL A 17 7.05 10.63 21.73
C VAL A 17 6.83 9.85 23.02
N LEU A 18 6.29 10.53 24.06
CA LEU A 18 5.98 9.86 25.33
C LEU A 18 4.68 9.06 25.21
N GLY A 19 4.83 7.75 25.13
CA GLY A 19 3.68 6.85 25.20
C GLY A 19 3.34 6.45 26.63
N THR A 20 2.04 6.37 26.92
CA THR A 20 1.54 6.25 28.27
C THR A 20 0.83 4.91 28.54
N MET A 21 0.91 3.92 27.66
CA MET A 21 0.06 2.73 27.87
C MET A 21 0.44 1.94 29.14
N ASN A 22 1.67 2.07 29.68
CA ASN A 22 2.04 1.39 30.92
C ASN A 22 1.49 2.09 32.16
N PHE A 23 1.03 3.34 32.02
CA PHE A 23 0.46 4.08 33.14
C PHE A 23 -0.91 3.48 33.49
N GLY A 24 -0.94 2.78 34.63
CA GLY A 24 -2.13 2.07 35.08
C GLY A 24 -1.85 0.58 35.21
N PRO A 25 -1.63 -0.18 34.11
CA PRO A 25 -1.40 -1.63 34.21
C PRO A 25 -0.10 -2.07 34.88
N THR A 26 0.92 -1.21 34.85
CA THR A 26 2.28 -1.56 35.20
C THR A 26 2.83 -0.57 36.21
N THR A 27 2.57 0.71 35.91
CA THR A 27 3.08 1.83 36.69
C THR A 27 1.88 2.57 37.25
N ASP A 28 1.90 2.83 38.57
CA ASP A 28 0.78 3.47 39.25
C ASP A 28 0.83 4.99 39.05
N GLU A 29 -0.25 5.63 39.50
CA GLU A 29 -0.45 7.06 39.37
C GLU A 29 0.83 7.83 39.72
N ALA A 30 1.31 7.69 40.95
CA ALA A 30 2.37 8.54 41.47
C ALA A 30 3.66 8.37 40.68
N GLU A 31 3.96 7.12 40.30
CA GLU A 31 5.15 6.82 39.53
C GLU A 31 4.96 7.32 38.09
N SER A 32 3.74 7.17 37.56
CA SER A 32 3.42 7.70 36.24
C SER A 32 3.71 9.21 36.20
N HIS A 33 3.30 9.91 37.24
CA HIS A 33 3.49 11.36 37.33
C HIS A 33 4.96 11.75 37.32
N ALA A 34 5.79 10.91 37.94
CA ALA A 34 7.21 11.22 38.06
C ALA A 34 7.84 11.16 36.67
N ILE A 35 7.48 10.13 35.89
CA ILE A 35 7.96 9.96 34.53
C ILE A 35 7.53 11.16 33.65
N MET A 36 6.28 11.63 33.81
CA MET A 36 5.82 12.71 32.97
C MET A 36 6.55 14.02 33.29
N ASP A 37 6.85 14.25 34.58
CA ASP A 37 7.68 15.38 34.98
C ASP A 37 9.11 15.26 34.48
N ALA A 38 9.66 14.03 34.50
CA ALA A 38 10.99 13.83 33.96
C ALA A 38 10.99 14.05 32.45
N ALA A 39 9.86 13.82 31.78
CA ALA A 39 9.79 14.02 30.33
C ALA A 39 9.85 15.50 29.98
N LEU A 40 9.02 16.30 30.65
CA LEU A 40 9.10 17.76 30.59
C LEU A 40 10.54 18.25 30.81
N ASP A 41 11.20 17.77 31.87
CA ASP A 41 12.55 18.20 32.21
C ASP A 41 13.52 17.86 31.08
N ALA A 42 13.34 16.72 30.41
CA ALA A 42 14.17 16.39 29.26
C ALA A 42 13.73 17.14 27.99
N GLY A 43 12.69 18.02 28.07
CA GLY A 43 12.13 18.77 26.93
C GLY A 43 11.19 17.99 25.97
N ILE A 44 10.70 16.81 26.39
CA ILE A 44 9.67 16.09 25.64
C ILE A 44 8.32 16.77 25.87
N ASN A 45 7.69 17.25 24.78
CA ASN A 45 6.43 17.99 24.86
C ASN A 45 5.25 17.22 24.27
N PHE A 46 5.49 16.02 23.74
CA PHE A 46 4.53 15.31 22.92
C PHE A 46 4.12 14.03 23.67
N PHE A 47 2.91 14.04 24.26
CA PHE A 47 2.42 12.94 25.07
C PHE A 47 1.25 12.24 24.36
N ASP A 48 1.39 10.90 24.20
CA ASP A 48 0.44 10.06 23.48
C ASP A 48 -0.31 9.13 24.43
N THR A 49 -1.64 9.18 24.41
CA THR A 49 -2.45 8.27 25.17
C THR A 49 -3.54 7.69 24.28
N ALA A 50 -4.47 6.96 24.91
CA ALA A 50 -5.63 6.37 24.26
C ALA A 50 -6.74 6.15 25.29
N ASN A 51 -7.99 6.13 24.82
CA ASN A 51 -9.12 5.87 25.69
C ASN A 51 -9.02 4.44 26.22
N VAL A 52 -8.61 3.49 25.38
CA VAL A 52 -8.61 2.07 25.77
C VAL A 52 -7.49 1.74 26.77
N TYR A 53 -6.46 2.57 26.87
CA TYR A 53 -5.31 2.26 27.72
C TYR A 53 -5.79 2.13 29.16
N GLY A 54 -5.20 1.19 29.89
CA GLY A 54 -5.69 0.78 31.19
C GLY A 54 -6.01 -0.72 31.20
N TRP A 55 -6.66 -1.18 30.13
CA TRP A 55 -6.91 -2.60 29.86
C TRP A 55 -8.07 -3.15 30.68
N GLY A 56 -8.77 -4.09 30.05
CA GLY A 56 -9.85 -4.83 30.68
C GLY A 56 -10.87 -3.89 31.31
N GLU A 57 -11.15 -4.14 32.59
CA GLU A 57 -12.15 -3.40 33.32
C GLU A 57 -11.62 -2.00 33.69
N ASN A 58 -10.31 -1.74 33.47
CA ASN A 58 -9.71 -0.46 33.82
C ASN A 58 -9.44 0.44 32.61
N LYS A 59 -10.03 0.15 31.44
CA LYS A 59 -9.92 1.05 30.30
C LYS A 59 -10.36 2.45 30.70
N GLY A 60 -9.56 3.48 30.37
CA GLY A 60 -9.79 4.83 30.86
C GLY A 60 -8.81 5.30 31.93
N ARG A 61 -8.11 4.34 32.57
CA ARG A 61 -7.28 4.64 33.73
C ARG A 61 -6.12 5.56 33.34
N THR A 62 -5.46 5.28 32.20
CA THR A 62 -4.34 6.09 31.73
C THR A 62 -4.79 7.53 31.53
N GLU A 63 -5.90 7.73 30.80
CA GLU A 63 -6.45 9.07 30.65
C GLU A 63 -6.66 9.76 32.01
N GLU A 64 -7.21 9.04 33.00
CA GLU A 64 -7.42 9.58 34.34
C GLU A 64 -6.10 10.00 35.03
N ILE A 65 -5.05 9.19 34.84
CA ILE A 65 -3.74 9.50 35.39
C ILE A 65 -3.15 10.78 34.79
N LEU A 66 -3.37 11.02 33.49
CA LEU A 66 -2.95 12.29 32.92
C LEU A 66 -3.78 13.43 33.49
N GLY A 67 -5.07 13.17 33.72
CA GLY A 67 -5.99 14.20 34.22
C GLY A 67 -5.58 14.67 35.62
N SER A 68 -5.21 13.71 36.49
CA SER A 68 -4.74 14.03 37.82
C SER A 68 -3.37 14.70 37.76
N TRP A 69 -2.55 14.37 36.77
CA TRP A 69 -1.27 15.04 36.57
C TRP A 69 -1.46 16.51 36.22
N PHE A 70 -2.40 16.81 35.29
CA PHE A 70 -2.70 18.17 34.88
C PHE A 70 -3.28 19.01 36.03
N ALA A 71 -4.14 18.38 36.84
CA ALA A 71 -4.81 19.01 37.99
C ALA A 71 -3.80 19.57 39.01
N GLN A 72 -2.52 19.16 38.94
CA GLN A 72 -1.52 19.73 39.83
C GLN A 72 -1.06 21.11 39.40
N GLY A 73 -1.45 21.56 38.19
CA GLY A 73 -1.02 22.85 37.71
C GLY A 73 0.45 22.83 37.31
N GLY A 74 1.14 23.97 37.49
CA GLY A 74 2.56 24.11 37.19
C GLY A 74 2.90 24.10 35.70
N ASP A 75 1.97 24.66 34.87
CA ASP A 75 2.16 24.75 33.43
C ASP A 75 2.14 23.38 32.73
N ARG A 76 1.66 22.32 33.39
CA ARG A 76 1.74 20.99 32.82
C ARG A 76 0.88 20.90 31.54
N ARG A 77 -0.40 21.26 31.62
CA ARG A 77 -1.31 21.13 30.49
C ARG A 77 -0.82 22.03 29.34
N ASP A 78 -0.44 23.26 29.69
CA ASP A 78 0.01 24.29 28.77
C ASP A 78 1.28 23.85 28.01
N LYS A 79 2.21 23.12 28.63
CA LYS A 79 3.44 22.70 27.95
C LYS A 79 3.26 21.51 27.02
N VAL A 80 2.19 20.72 27.20
CA VAL A 80 2.10 19.40 26.58
C VAL A 80 1.22 19.48 25.32
N VAL A 81 1.73 18.88 24.23
CA VAL A 81 0.90 18.45 23.11
C VAL A 81 0.23 17.14 23.48
N LEU A 82 -1.04 17.23 23.88
CA LEU A 82 -1.82 16.08 24.34
C LEU A 82 -2.50 15.37 23.17
N ALA A 83 -2.12 14.10 22.94
CA ALA A 83 -2.77 13.24 21.96
C ALA A 83 -3.49 12.06 22.64
N THR A 84 -4.68 11.74 22.13
CA THR A 84 -5.43 10.56 22.53
C THR A 84 -6.13 10.00 21.30
N LYS A 85 -7.01 9.00 21.48
CA LYS A 85 -7.44 8.16 20.39
C LYS A 85 -8.91 7.77 20.53
N VAL A 86 -9.51 7.46 19.37
CA VAL A 86 -10.85 6.89 19.29
C VAL A 86 -10.88 5.75 18.27
N TYR A 87 -11.77 4.78 18.51
CA TYR A 87 -12.04 3.60 17.67
C TYR A 87 -12.39 2.41 18.58
N GLY A 88 -11.62 2.25 19.67
CA GLY A 88 -11.63 1.02 20.47
C GLY A 88 -12.87 0.86 21.35
N ASN A 89 -13.28 -0.39 21.57
CA ASN A 89 -14.40 -0.70 22.47
C ASN A 89 -14.00 -0.33 23.90
N MET A 90 -14.80 0.53 24.56
CA MET A 90 -14.53 0.97 25.93
C MET A 90 -15.39 0.19 26.93
N GLY A 91 -16.22 -0.74 26.42
CA GLY A 91 -17.03 -1.58 27.28
C GLY A 91 -16.31 -2.86 27.67
N LEU A 92 -17.12 -3.82 28.11
CA LEU A 92 -16.66 -5.17 28.42
C LEU A 92 -15.91 -5.71 27.22
N ASP A 93 -14.72 -6.30 27.46
CA ASP A 93 -13.97 -6.97 26.40
C ASP A 93 -14.87 -8.05 25.79
N GLY A 94 -14.75 -8.20 24.46
CA GLY A 94 -15.68 -8.99 23.65
C GLY A 94 -16.31 -8.14 22.55
N PRO A 95 -17.24 -8.69 21.73
CA PRO A 95 -17.89 -7.92 20.67
C PRO A 95 -18.60 -6.69 21.23
N ALA A 96 -18.27 -5.52 20.68
CA ALA A 96 -18.84 -4.27 21.15
C ALA A 96 -20.33 -4.21 20.81
N TRP A 97 -21.11 -3.56 21.66
CA TRP A 97 -22.41 -3.05 21.26
C TRP A 97 -22.27 -2.18 20.00
N PRO A 98 -23.20 -2.26 19.03
CA PRO A 98 -23.08 -1.46 17.82
C PRO A 98 -22.90 0.04 18.08
N ASN A 99 -21.90 0.61 17.37
CA ASN A 99 -21.56 2.02 17.38
C ASN A 99 -20.85 2.41 18.67
N HIS A 100 -20.37 1.42 19.42
CA HIS A 100 -19.60 1.67 20.63
C HIS A 100 -18.13 1.30 20.39
N ASP A 101 -17.80 0.94 19.15
CA ASP A 101 -16.43 0.98 18.62
C ASP A 101 -16.48 1.56 17.20
N LYS A 102 -15.31 1.62 16.55
CA LYS A 102 -15.20 2.07 15.17
C LYS A 102 -15.44 3.58 15.09
N LEU A 103 -15.68 4.11 13.88
CA LEU A 103 -15.53 5.55 13.62
C LEU A 103 -16.80 6.22 13.10
N SER A 104 -17.98 5.70 13.46
CA SER A 104 -19.22 6.42 13.19
C SER A 104 -19.14 7.79 13.89
N ALA A 105 -19.82 8.81 13.34
CA ALA A 105 -19.98 10.08 14.03
C ALA A 105 -20.59 9.91 15.42
N LEU A 106 -21.42 8.86 15.61
CA LEU A 106 -22.03 8.60 16.91
C LEU A 106 -20.95 8.20 17.93
N ASN A 107 -20.07 7.26 17.55
CA ASN A 107 -19.05 6.82 18.49
C ASN A 107 -18.02 7.92 18.67
N ILE A 108 -17.79 8.74 17.65
CA ILE A 108 -16.83 9.82 17.82
C ILE A 108 -17.31 10.79 18.88
N ARG A 109 -18.57 11.22 18.80
CA ARG A 109 -19.14 12.11 19.79
C ARG A 109 -19.03 11.57 21.22
N ARG A 110 -19.49 10.34 21.45
CA ARG A 110 -19.50 9.80 22.82
C ARG A 110 -18.06 9.56 23.29
N SER A 111 -17.16 9.11 22.40
CA SER A 111 -15.82 8.74 22.82
C SER A 111 -15.04 9.98 23.24
N VAL A 112 -15.21 11.10 22.51
CA VAL A 112 -14.46 12.31 22.83
C VAL A 112 -14.96 12.94 24.13
N ASP A 113 -16.27 12.93 24.39
CA ASP A 113 -16.81 13.46 25.64
C ASP A 113 -16.24 12.69 26.83
N ALA A 114 -16.19 11.35 26.76
CA ALA A 114 -15.66 10.59 27.86
C ALA A 114 -14.17 10.84 28.03
N SER A 115 -13.43 10.98 26.91
CA SER A 115 -11.99 11.25 27.00
C SER A 115 -11.74 12.62 27.64
N LEU A 116 -12.52 13.63 27.29
CA LEU A 116 -12.30 14.96 27.87
C LEU A 116 -12.57 14.94 29.38
N LYS A 117 -13.60 14.19 29.80
CA LYS A 117 -13.92 14.07 31.22
C LYS A 117 -12.79 13.39 31.98
N ARG A 118 -12.29 12.23 31.50
CA ARG A 118 -11.23 11.53 32.22
C ARG A 118 -9.93 12.35 32.25
N LEU A 119 -9.64 13.12 31.19
CA LEU A 119 -8.39 13.89 31.09
C LEU A 119 -8.48 15.21 31.88
N GLY A 120 -9.68 15.57 32.35
CA GLY A 120 -9.91 16.79 33.10
C GLY A 120 -9.30 17.99 32.38
N THR A 121 -9.66 18.14 31.09
CA THR A 121 -9.21 19.20 30.21
C THR A 121 -10.35 19.55 29.25
N ASP A 122 -10.35 20.78 28.75
CA ASP A 122 -11.37 21.23 27.81
C ASP A 122 -10.94 21.00 26.35
N HIS A 123 -9.69 20.59 26.07
CA HIS A 123 -9.30 20.34 24.69
C HIS A 123 -8.17 19.30 24.59
N ILE A 124 -8.26 18.51 23.50
CA ILE A 124 -7.24 17.58 23.04
C ILE A 124 -6.47 18.21 21.86
N ASP A 125 -5.15 18.09 21.84
CA ASP A 125 -4.41 18.78 20.79
C ASP A 125 -4.42 17.95 19.49
N LEU A 126 -4.16 16.65 19.62
CA LEU A 126 -4.13 15.71 18.52
C LEU A 126 -5.03 14.50 18.82
N TYR A 127 -6.17 14.44 18.13
CA TYR A 127 -7.15 13.39 18.31
C TYR A 127 -7.02 12.39 17.15
N GLN A 128 -6.66 11.14 17.47
CA GLN A 128 -6.20 10.21 16.44
C GLN A 128 -7.17 9.04 16.34
N PHE A 129 -7.37 8.53 15.12
CA PHE A 129 -8.09 7.28 14.90
C PHE A 129 -7.12 6.15 15.17
N HIS A 130 -7.54 5.21 16.04
CA HIS A 130 -6.70 4.11 16.49
C HIS A 130 -6.50 3.07 15.38
N HIS A 131 -7.46 2.99 14.47
CA HIS A 131 -7.42 2.05 13.36
C HIS A 131 -8.36 2.53 12.27
N VAL A 132 -8.14 2.11 11.05
CA VAL A 132 -9.05 2.40 9.95
C VAL A 132 -10.40 1.72 10.06
N ASP A 133 -11.46 2.45 9.77
CA ASP A 133 -12.77 1.87 9.72
C ASP A 133 -13.24 2.01 8.29
N ARG A 134 -13.20 0.91 7.56
CA ARG A 134 -13.60 0.90 6.17
C ARG A 134 -15.08 1.02 5.86
N ASP A 135 -15.92 0.98 6.88
CA ASP A 135 -17.34 1.14 6.69
C ASP A 135 -17.84 2.57 6.95
N THR A 136 -16.96 3.43 7.41
CA THR A 136 -17.35 4.81 7.62
C THR A 136 -16.76 5.76 6.54
N PRO A 137 -17.62 6.46 5.81
CA PRO A 137 -17.15 7.42 4.80
C PRO A 137 -16.42 8.68 5.34
N TRP A 138 -15.53 9.31 4.56
CA TRP A 138 -14.74 10.43 5.02
C TRP A 138 -15.55 11.71 5.18
N ASP A 139 -16.68 11.85 4.49
CA ASP A 139 -17.53 13.02 4.69
C ASP A 139 -18.21 12.91 6.07
N GLU A 140 -18.52 11.68 6.51
CA GLU A 140 -19.05 11.45 7.84
C GLU A 140 -17.98 11.80 8.87
N ILE A 141 -16.79 11.24 8.69
CA ILE A 141 -15.76 11.39 9.69
C ILE A 141 -15.35 12.87 9.80
N TRP A 142 -15.17 13.56 8.67
CA TRP A 142 -14.73 14.95 8.70
C TRP A 142 -15.81 15.88 9.23
N GLN A 143 -17.09 15.46 9.10
CA GLN A 143 -18.20 16.17 9.75
C GLN A 143 -17.98 16.13 11.27
N ALA A 144 -17.74 14.94 11.79
CA ALA A 144 -17.67 14.75 13.22
C ALA A 144 -16.48 15.54 13.80
N MET A 145 -15.36 15.50 13.08
CA MET A 145 -14.12 16.09 13.52
C MET A 145 -14.18 17.61 13.38
N ASP A 146 -14.90 18.11 12.38
CA ASP A 146 -15.00 19.56 12.18
C ASP A 146 -15.93 20.21 13.20
N VAL A 147 -16.97 19.47 13.63
CA VAL A 147 -17.78 19.90 14.76
C VAL A 147 -16.86 20.17 15.97
N LEU A 148 -15.96 19.22 16.25
CA LEU A 148 -15.10 19.31 17.39
C LEU A 148 -14.10 20.47 17.25
N VAL A 149 -13.52 20.66 16.04
CA VAL A 149 -12.59 21.76 15.81
C VAL A 149 -13.30 23.10 16.06
N ARG A 150 -14.51 23.26 15.55
CA ARG A 150 -15.23 24.52 15.66
C ARG A 150 -15.66 24.82 17.07
N GLN A 151 -16.02 23.81 17.83
CA GLN A 151 -16.27 24.03 19.25
C GLN A 151 -14.97 24.22 20.07
N GLY A 152 -13.76 24.01 19.54
CA GLY A 152 -12.53 24.19 20.31
C GLY A 152 -12.11 22.95 21.09
N LYS A 153 -12.69 21.79 20.78
CA LYS A 153 -12.45 20.62 21.61
C LYS A 153 -11.22 19.84 21.17
N ILE A 154 -10.89 19.96 19.89
CA ILE A 154 -9.66 19.42 19.33
C ILE A 154 -9.06 20.46 18.38
N LEU A 155 -7.76 20.34 18.11
CA LEU A 155 -7.09 21.21 17.15
C LEU A 155 -6.77 20.43 15.88
N TYR A 156 -6.07 19.29 16.05
CA TYR A 156 -5.52 18.50 14.97
C TYR A 156 -6.08 17.08 15.02
N VAL A 157 -6.09 16.45 13.82
CA VAL A 157 -6.58 15.10 13.62
C VAL A 157 -5.44 14.25 13.07
N GLY A 158 -5.29 13.04 13.61
CA GLY A 158 -4.24 12.13 13.19
C GLY A 158 -4.81 10.73 12.97
N SER A 159 -4.01 9.83 12.40
CA SER A 159 -4.41 8.45 12.28
C SER A 159 -3.42 7.50 12.96
N SER A 160 -3.87 6.24 13.04
CA SER A 160 -3.10 5.10 13.45
C SER A 160 -3.61 3.88 12.71
N ASN A 161 -2.64 3.05 12.26
CA ASN A 161 -2.93 1.80 11.58
C ASN A 161 -3.85 2.03 10.39
N PHE A 162 -3.41 2.93 9.48
CA PHE A 162 -4.04 3.14 8.18
C PHE A 162 -3.21 2.49 7.06
N ALA A 163 -3.87 2.21 5.94
CA ALA A 163 -3.17 1.98 4.67
C ALA A 163 -2.83 3.33 4.05
N GLY A 164 -1.76 3.37 3.25
CA GLY A 164 -1.45 4.54 2.44
C GLY A 164 -2.66 5.17 1.74
N TRP A 165 -3.54 4.35 1.13
CA TRP A 165 -4.64 4.85 0.30
C TRP A 165 -5.71 5.50 1.18
N ASN A 166 -5.78 5.10 2.46
CA ASN A 166 -6.70 5.68 3.41
C ASN A 166 -6.23 7.09 3.77
N ILE A 167 -4.91 7.26 3.91
CA ILE A 167 -4.34 8.58 4.14
C ILE A 167 -4.65 9.52 2.97
N ALA A 168 -4.46 9.07 1.72
CA ALA A 168 -4.71 9.95 0.58
C ALA A 168 -6.20 10.32 0.49
N GLN A 169 -7.07 9.33 0.76
CA GLN A 169 -8.50 9.55 0.62
C GLN A 169 -8.96 10.53 1.70
N ALA A 170 -8.50 10.35 2.92
CA ALA A 170 -8.77 11.28 4.00
C ALA A 170 -8.37 12.71 3.61
N ASN A 171 -7.10 12.93 3.27
CA ASN A 171 -6.60 14.29 3.10
C ASN A 171 -7.15 14.98 1.86
N GLU A 172 -7.42 14.21 0.79
CA GLU A 172 -8.07 14.77 -0.39
C GLU A 172 -9.49 15.24 -0.06
N THR A 173 -10.22 14.44 0.73
CA THR A 173 -11.58 14.78 1.09
C THR A 173 -11.58 16.06 1.93
N ALA A 174 -10.71 16.10 2.96
CA ALA A 174 -10.60 17.29 3.78
C ALA A 174 -10.38 18.53 2.91
N ALA A 175 -9.38 18.45 2.01
CA ALA A 175 -8.85 19.62 1.34
C ALA A 175 -9.86 20.20 0.35
N ARG A 176 -10.76 19.32 -0.14
CA ARG A 176 -11.79 19.72 -1.08
C ARG A 176 -12.65 20.84 -0.46
N HIS A 177 -12.81 20.86 0.87
CA HIS A 177 -13.67 21.85 1.51
C HIS A 177 -12.91 22.68 2.56
N GLY A 178 -11.61 22.86 2.36
CA GLY A 178 -10.82 23.80 3.13
C GLY A 178 -10.20 23.23 4.40
N ARG A 179 -10.68 22.07 4.87
CA ARG A 179 -10.28 21.49 6.14
C ARG A 179 -8.83 20.98 6.13
N LEU A 180 -8.17 21.18 7.27
CA LEU A 180 -6.86 20.61 7.52
C LEU A 180 -6.99 19.11 7.73
N GLY A 181 -6.25 18.31 6.97
CA GLY A 181 -6.43 16.87 7.07
C GLY A 181 -5.60 16.21 8.17
N LEU A 182 -5.41 14.89 8.05
CA LEU A 182 -4.52 14.15 8.92
C LEU A 182 -3.16 14.88 9.01
N VAL A 183 -2.62 15.00 10.21
CA VAL A 183 -1.29 15.60 10.37
C VAL A 183 -0.25 14.54 10.74
N SER A 184 -0.67 13.32 11.07
CA SER A 184 0.25 12.27 11.53
C SER A 184 -0.35 10.89 11.36
N GLU A 185 0.52 9.91 11.06
CA GLU A 185 0.15 8.50 11.07
C GLU A 185 1.02 7.75 12.07
N GLN A 186 0.38 6.95 12.90
CA GLN A 186 1.12 6.13 13.85
C GLN A 186 1.07 4.69 13.33
N CYS A 187 2.21 4.20 12.82
CA CYS A 187 2.30 2.91 12.16
C CYS A 187 3.32 2.01 12.87
N LEU A 188 3.14 0.70 12.72
CA LEU A 188 4.09 -0.26 13.27
C LEU A 188 5.31 -0.30 12.34
N TYR A 189 6.49 0.00 12.89
CA TYR A 189 7.69 0.18 12.08
C TYR A 189 8.91 0.07 12.98
N ASN A 190 9.75 -0.95 12.68
CA ASN A 190 11.00 -1.22 13.37
C ASN A 190 11.87 -2.07 12.44
N LEU A 191 13.12 -2.41 12.86
CA LEU A 191 14.05 -3.19 12.05
C LEU A 191 13.44 -4.50 11.57
N CYS A 192 12.70 -5.19 12.44
CA CYS A 192 12.10 -6.47 12.09
C CYS A 192 10.89 -6.34 11.17
N GLU A 193 10.10 -5.26 11.28
CA GLU A 193 8.86 -5.18 10.52
C GLU A 193 8.85 -3.88 9.73
N ARG A 194 9.13 -4.00 8.43
CA ARG A 194 9.50 -2.87 7.59
C ARG A 194 8.47 -2.65 6.47
N ARG A 195 7.32 -3.33 6.52
CA ARG A 195 6.40 -3.26 5.39
C ARG A 195 5.63 -1.93 5.33
N ALA A 196 5.79 -1.05 6.34
CA ALA A 196 5.19 0.28 6.31
C ALA A 196 5.83 1.11 5.18
N GLU A 197 7.05 0.70 4.77
CA GLU A 197 7.83 1.29 3.68
C GLU A 197 7.19 1.10 2.31
N MET A 198 6.32 0.09 2.17
CA MET A 198 5.78 -0.25 0.87
C MET A 198 4.88 0.89 0.36
N GLU A 199 3.94 1.33 1.18
CA GLU A 199 2.98 2.34 0.79
C GLU A 199 2.59 3.33 1.90
N VAL A 200 2.59 2.92 3.16
CA VAL A 200 2.15 3.78 4.25
C VAL A 200 3.10 4.96 4.40
N VAL A 201 4.40 4.69 4.49
CA VAL A 201 5.32 5.80 4.70
C VAL A 201 5.42 6.65 3.43
N PRO A 202 5.50 6.08 2.22
CA PRO A 202 5.40 6.90 1.00
C PRO A 202 4.18 7.83 0.92
N ALA A 203 2.98 7.34 1.27
CA ALA A 203 1.77 8.16 1.27
C ALA A 203 1.81 9.30 2.28
N ALA A 204 2.24 9.00 3.51
CA ALA A 204 2.40 10.00 4.56
C ALA A 204 3.35 11.12 4.13
N ARG A 205 4.49 10.76 3.54
CA ARG A 205 5.45 11.75 3.08
C ARG A 205 4.82 12.63 1.98
N GLU A 206 4.06 12.03 1.06
CA GLU A 206 3.46 12.79 -0.01
C GLU A 206 2.42 13.79 0.52
N TYR A 207 1.61 13.39 1.52
CA TYR A 207 0.59 14.27 2.09
C TYR A 207 1.13 15.06 3.28
N GLY A 208 2.42 14.96 3.61
CA GLY A 208 3.01 15.78 4.66
C GLY A 208 2.53 15.45 6.08
N LEU A 209 2.24 14.17 6.36
CA LEU A 209 1.99 13.66 7.70
C LEU A 209 3.31 13.37 8.42
N GLY A 210 3.36 13.68 9.72
CA GLY A 210 4.36 13.06 10.56
C GLY A 210 4.17 11.55 10.60
N VAL A 211 5.28 10.81 10.71
CA VAL A 211 5.25 9.36 10.87
C VAL A 211 5.82 9.02 12.24
N ILE A 212 4.97 8.42 13.08
CA ILE A 212 5.29 8.02 14.42
C ILE A 212 5.33 6.51 14.46
N ALA A 213 6.48 5.94 14.87
CA ALA A 213 6.70 4.51 14.87
C ALA A 213 6.32 3.92 16.23
N TRP A 214 5.30 3.06 16.26
CA TRP A 214 5.01 2.33 17.49
C TRP A 214 5.63 0.92 17.43
N SER A 215 5.74 0.28 18.60
CA SER A 215 6.43 -0.99 18.77
C SER A 215 7.81 -0.89 18.14
N PRO A 216 8.60 0.15 18.53
CA PRO A 216 9.88 0.39 17.89
C PRO A 216 10.99 -0.64 18.17
N LEU A 217 10.80 -1.47 19.23
CA LEU A 217 11.73 -2.54 19.54
C LEU A 217 11.10 -3.89 19.20
N HIS A 218 10.04 -3.89 18.39
CA HIS A 218 9.30 -5.10 18.04
C HIS A 218 8.94 -5.92 19.30
N GLY A 219 8.28 -5.26 20.25
CA GLY A 219 7.77 -5.92 21.44
C GLY A 219 8.88 -6.43 22.35
N GLY A 220 10.04 -5.77 22.34
CA GLY A 220 11.17 -6.14 23.17
C GLY A 220 12.25 -6.95 22.45
N LEU A 221 11.95 -7.52 21.28
CA LEU A 221 12.87 -8.40 20.58
C LEU A 221 14.18 -7.73 20.17
N LEU A 222 14.17 -6.41 19.92
CA LEU A 222 15.34 -5.66 19.47
C LEU A 222 16.05 -4.97 20.65
N GLY A 223 15.64 -5.32 21.88
CA GLY A 223 16.12 -4.66 23.09
C GLY A 223 17.14 -5.49 23.87
N GLY A 224 17.83 -6.42 23.19
CA GLY A 224 18.77 -7.33 23.82
C GLY A 224 18.11 -8.59 24.36
N ALA A 225 17.15 -9.15 23.59
CA ALA A 225 16.28 -10.19 24.10
C ALA A 225 17.04 -11.50 24.35
N ILE A 226 18.03 -11.82 23.50
CA ILE A 226 18.79 -13.06 23.63
C ILE A 226 19.70 -13.00 24.86
N ARG A 227 20.55 -11.97 24.95
CA ARG A 227 21.44 -11.77 26.09
C ARG A 227 20.66 -11.84 27.40
N LYS A 228 19.45 -11.28 27.42
CA LYS A 228 18.63 -11.27 28.61
C LYS A 228 17.78 -12.54 28.71
N GLU A 229 18.21 -13.62 28.05
CA GLU A 229 17.68 -14.94 28.35
C GLU A 229 18.56 -15.55 29.44
N GLN A 230 18.34 -15.08 30.68
CA GLN A 230 18.98 -15.55 31.90
C GLN A 230 17.91 -15.89 32.94
N ALA A 242 7.42 -12.01 20.59
CA ALA A 242 8.80 -11.94 21.15
C ALA A 242 9.18 -13.31 21.70
N ALA A 243 8.28 -13.89 22.51
CA ALA A 243 8.45 -15.24 23.02
C ALA A 243 8.52 -16.23 21.85
N ASP A 244 7.56 -16.10 20.91
CA ASP A 244 7.42 -17.00 19.77
C ASP A 244 8.53 -16.77 18.76
N ALA A 245 9.01 -15.52 18.66
CA ALA A 245 10.06 -15.19 17.72
C ALA A 245 11.36 -15.94 18.06
N LEU A 246 11.69 -16.03 19.35
CA LEU A 246 12.92 -16.65 19.81
C LEU A 246 12.88 -18.17 19.62
N LYS A 247 11.66 -18.73 19.57
CA LYS A 247 11.45 -20.16 19.31
C LYS A 247 11.75 -20.50 17.85
N ASP A 248 11.43 -19.61 16.90
CA ASP A 248 11.74 -19.86 15.49
C ASP A 248 13.26 -19.77 15.31
N PRO A 249 13.90 -20.84 14.74
CA PRO A 249 15.35 -20.82 14.45
C PRO A 249 15.85 -19.68 13.57
N GLN A 250 15.12 -19.38 12.48
CA GLN A 250 15.57 -18.41 11.49
C GLN A 250 15.53 -16.99 12.05
N GLN A 251 14.52 -16.69 12.87
CA GLN A 251 14.37 -15.38 13.48
C GLN A 251 15.39 -15.15 14.59
N ARG A 252 15.68 -16.17 15.39
CA ARG A 252 16.71 -16.05 16.41
C ARG A 252 18.02 -15.78 15.72
N GLU A 253 18.32 -16.51 14.66
CA GLU A 253 19.51 -16.30 13.86
C GLU A 253 19.67 -14.80 13.59
N GLN A 254 18.57 -14.17 13.17
CA GLN A 254 18.58 -12.76 12.75
C GLN A 254 18.92 -11.86 13.94
N ILE A 255 18.24 -12.07 15.08
CA ILE A 255 18.51 -11.31 16.30
C ILE A 255 19.95 -11.55 16.81
N GLN A 256 20.41 -12.81 16.75
CA GLN A 256 21.76 -13.15 17.17
C GLN A 256 22.78 -12.28 16.44
N ARG A 257 22.67 -12.23 15.12
CA ARG A 257 23.60 -11.45 14.30
C ARG A 257 23.56 -9.98 14.73
N TYR A 258 22.34 -9.50 15.03
CA TYR A 258 22.09 -8.14 15.52
C TYR A 258 22.87 -7.90 16.82
N GLU A 259 22.57 -8.71 17.84
CA GLU A 259 23.25 -8.59 19.13
C GLU A 259 24.77 -8.70 18.97
N ASP A 260 25.24 -9.64 18.12
CA ASP A 260 26.67 -9.83 17.93
C ASP A 260 27.29 -8.58 17.31
N LEU A 261 26.65 -8.04 16.29
CA LEU A 261 27.18 -6.88 15.60
C LEU A 261 27.34 -5.69 16.55
N LEU A 262 26.39 -5.54 17.48
CA LEU A 262 26.40 -4.41 18.40
C LEU A 262 27.46 -4.59 19.49
N ASP A 263 27.69 -5.84 19.92
CA ASP A 263 28.85 -6.20 20.75
C ASP A 263 30.13 -5.64 20.15
N LYS A 264 30.37 -5.95 18.87
CA LYS A 264 31.59 -5.56 18.19
C LYS A 264 31.77 -4.05 18.18
N HIS A 265 30.66 -3.29 18.10
CA HIS A 265 30.73 -1.85 17.92
C HIS A 265 30.54 -1.11 19.25
N GLY A 266 30.19 -1.86 20.30
CA GLY A 266 30.05 -1.30 21.63
C GLY A 266 28.80 -0.44 21.77
N LEU A 267 27.65 -0.97 21.35
CA LEU A 267 26.42 -0.20 21.22
C LEU A 267 25.29 -0.97 21.91
N GLU A 268 24.34 -0.23 22.48
CA GLU A 268 23.21 -0.83 23.18
C GLU A 268 22.08 -1.15 22.19
N PRO A 269 21.57 -2.41 22.18
CA PRO A 269 20.45 -2.79 21.32
C PRO A 269 19.22 -1.90 21.48
N GLY A 270 18.91 -1.54 22.73
CA GLY A 270 17.77 -0.70 23.05
C GLY A 270 17.86 0.69 22.42
N GLU A 271 19.07 1.26 22.37
CA GLU A 271 19.24 2.61 21.85
C GLU A 271 19.30 2.59 20.32
N VAL A 272 19.81 1.47 19.75
CA VAL A 272 20.12 1.40 18.33
C VAL A 272 18.82 1.28 17.54
N ALA A 273 17.89 0.47 18.07
CA ALA A 273 16.62 0.25 17.43
C ALA A 273 15.87 1.58 17.25
N LEU A 274 15.97 2.49 18.23
CA LEU A 274 15.35 3.81 18.13
C LEU A 274 16.16 4.74 17.23
N ALA A 275 17.50 4.73 17.33
CA ALA A 275 18.34 5.61 16.52
C ALA A 275 18.18 5.30 15.03
N TRP A 276 18.13 4.00 14.68
CA TRP A 276 17.79 3.54 13.35
C TRP A 276 16.52 4.25 12.84
N LEU A 277 15.40 4.16 13.59
CA LEU A 277 14.15 4.82 13.18
C LEU A 277 14.38 6.32 12.94
N LEU A 278 15.21 6.96 13.76
CA LEU A 278 15.44 8.38 13.60
C LEU A 278 16.16 8.71 12.27
N THR A 279 16.71 7.69 11.59
CA THR A 279 17.39 7.89 10.32
C THR A 279 16.45 7.70 9.12
N ARG A 280 15.28 7.07 9.31
CA ARG A 280 14.44 6.73 8.17
C ARG A 280 13.75 7.99 7.65
N PRO A 281 13.68 8.17 6.32
CA PRO A 281 13.05 9.36 5.73
C PRO A 281 11.59 9.48 6.11
N GLY A 282 11.22 10.67 6.61
CA GLY A 282 9.84 11.02 6.91
C GLY A 282 9.38 10.60 8.31
N VAL A 283 10.24 9.88 9.05
CA VAL A 283 9.94 9.44 10.41
C VAL A 283 10.17 10.60 11.38
N THR A 284 9.08 11.00 12.03
CA THR A 284 9.10 12.02 13.06
C THR A 284 9.90 11.43 14.23
N GLY A 285 9.49 10.25 14.68
CA GLY A 285 10.13 9.67 15.83
C GLY A 285 9.41 8.44 16.34
N PRO A 286 10.09 7.66 17.23
CA PRO A 286 9.46 6.52 17.89
C PRO A 286 8.62 6.87 19.12
N ILE A 287 7.64 6.00 19.41
CA ILE A 287 6.97 5.97 20.70
C ILE A 287 7.89 5.32 21.72
N VAL A 288 8.32 6.12 22.69
CA VAL A 288 9.00 5.66 23.90
C VAL A 288 7.94 5.43 25.00
N GLY A 289 7.64 4.18 25.30
CA GLY A 289 6.65 3.87 26.34
C GLY A 289 7.26 3.42 27.64
N PRO A 290 7.46 4.35 28.58
CA PRO A 290 8.16 3.94 29.79
C PRO A 290 7.40 3.28 30.90
N ARG A 291 8.06 2.38 31.60
CA ARG A 291 7.47 1.77 32.78
C ARG A 291 8.25 2.37 33.93
N THR A 292 9.48 2.81 33.69
CA THR A 292 10.30 3.47 34.70
C THR A 292 11.06 4.61 34.07
N ALA A 293 11.87 5.31 34.86
CA ALA A 293 12.70 6.39 34.36
C ALA A 293 13.78 5.96 33.39
N ASP A 294 14.08 4.67 33.37
CA ASP A 294 15.10 4.15 32.49
C ASP A 294 14.80 4.22 31.00
N GLN A 295 13.55 4.09 30.61
CA GLN A 295 13.25 4.02 29.17
C GLN A 295 13.45 5.39 28.55
N LEU A 296 13.14 6.42 29.34
CA LEU A 296 13.25 7.79 28.89
C LEU A 296 14.72 8.16 28.67
N ALA A 297 15.57 7.87 29.65
CA ALA A 297 16.98 8.22 29.56
C ALA A 297 17.66 7.44 28.44
N SER A 298 17.21 6.21 28.25
CA SER A 298 17.77 5.36 27.22
C SER A 298 17.44 5.95 25.86
N ALA A 299 16.19 6.42 25.73
CA ALA A 299 15.74 7.01 24.50
C ALA A 299 16.48 8.32 24.24
N VAL A 300 16.70 9.11 25.30
CA VAL A 300 17.46 10.35 25.15
C VAL A 300 18.88 10.05 24.66
N ARG A 301 19.47 8.95 25.12
CA ARG A 301 20.80 8.57 24.67
C ARG A 301 20.72 8.11 23.21
N ALA A 302 19.64 7.38 22.87
CA ALA A 302 19.45 6.92 21.51
C ALA A 302 19.48 8.09 20.52
N ALA A 303 18.82 9.20 20.90
CA ALA A 303 18.66 10.37 20.06
C ALA A 303 19.95 11.19 19.92
N GLU A 304 20.99 10.91 20.72
CA GLU A 304 22.25 11.64 20.60
C GLU A 304 23.28 10.79 19.85
N LEU A 305 22.92 9.53 19.63
CA LEU A 305 23.74 8.56 18.93
C LEU A 305 23.82 8.94 17.45
N THR A 306 25.02 8.81 16.87
CA THR A 306 25.21 8.86 15.43
C THR A 306 25.63 7.47 14.95
N LEU A 307 24.76 6.77 14.21
CA LEU A 307 25.13 5.46 13.69
C LEU A 307 25.96 5.64 12.42
N THR A 308 27.07 4.90 12.34
CA THR A 308 27.96 4.99 11.18
C THR A 308 27.30 4.29 9.99
N ASP A 309 27.81 4.61 8.79
CA ASP A 309 27.31 4.04 7.55
C ASP A 309 27.57 2.54 7.52
N GLU A 310 28.64 2.11 8.21
CA GLU A 310 28.98 0.70 8.30
C GLU A 310 27.94 -0.04 9.14
N VAL A 311 27.49 0.57 10.23
CA VAL A 311 26.49 -0.05 11.07
C VAL A 311 25.13 -0.06 10.37
N LEU A 312 24.77 1.05 9.69
CA LEU A 312 23.54 1.12 8.93
C LEU A 312 23.53 0.07 7.83
N THR A 313 24.66 -0.05 7.13
CA THR A 313 24.83 -1.06 6.09
C THR A 313 24.59 -2.46 6.62
N ALA A 314 25.26 -2.82 7.71
CA ALA A 314 25.15 -4.14 8.33
C ALA A 314 23.72 -4.42 8.83
N LEU A 315 23.11 -3.40 9.48
CA LEU A 315 21.73 -3.51 9.94
C LEU A 315 20.82 -3.86 8.77
N ASP A 316 21.04 -3.23 7.61
CA ASP A 316 20.22 -3.42 6.42
C ASP A 316 20.41 -4.80 5.80
N GLU A 317 21.60 -5.42 5.94
CA GLU A 317 21.85 -6.77 5.46
C GLU A 317 21.07 -7.77 6.30
N ILE A 318 21.06 -7.51 7.62
CA ILE A 318 20.42 -8.39 8.58
C ILE A 318 18.91 -8.25 8.46
N PHE A 319 18.46 -6.98 8.31
CA PHE A 319 17.06 -6.61 8.36
C PHE A 319 16.63 -5.96 7.03
N PRO A 320 16.59 -6.70 5.90
CA PRO A 320 16.30 -6.10 4.60
C PRO A 320 14.85 -5.60 4.57
N GLY A 321 14.62 -4.49 3.88
CA GLY A 321 13.28 -3.96 3.72
C GLY A 321 12.73 -4.20 2.33
N PRO A 322 11.43 -4.00 2.16
CA PRO A 322 10.80 -4.29 0.88
C PRO A 322 10.95 -3.19 -0.15
N GLY A 323 11.16 -1.98 0.30
CA GLY A 323 11.19 -0.89 -0.63
C GLY A 323 9.78 -0.48 -0.98
N PRO A 324 9.67 0.55 -1.79
CA PRO A 324 8.35 1.02 -2.18
C PRO A 324 7.63 0.16 -3.18
N SER A 325 6.33 0.09 -3.05
CA SER A 325 5.55 -0.59 -4.03
C SER A 325 5.31 0.41 -5.15
N PRO A 326 5.26 -0.04 -6.40
CA PRO A 326 5.12 -1.37 -7.01
C PRO A 326 6.41 -2.20 -7.13
N GLU A 327 7.56 -1.59 -6.95
CA GLU A 327 8.85 -2.27 -7.08
C GLU A 327 9.07 -3.43 -6.13
N ALA A 328 8.50 -3.34 -4.95
CA ALA A 328 8.56 -4.41 -3.98
C ALA A 328 8.08 -5.75 -4.51
N PHE A 329 7.03 -5.76 -5.30
CA PHE A 329 6.47 -7.01 -5.81
C PHE A 329 6.52 -7.17 -7.32
N ALA A 330 6.92 -6.12 -8.01
CA ALA A 330 6.95 -6.15 -9.47
C ALA A 330 8.22 -5.51 -10.01
N TRP A 331 8.11 -4.32 -10.60
CA TRP A 331 9.28 -3.58 -11.08
C TRP A 331 9.13 -2.07 -10.89
N MET B 1 -18.66 -16.35 -23.91
CA MET B 1 -17.68 -15.41 -23.27
C MET B 1 -18.37 -14.60 -22.17
N GLU B 2 -17.72 -14.52 -21.02
CA GLU B 2 -18.17 -13.71 -19.90
C GLU B 2 -17.77 -12.23 -20.11
N TYR B 3 -18.73 -11.33 -19.94
CA TYR B 3 -18.53 -9.87 -19.99
C TYR B 3 -18.75 -9.20 -18.63
N THR B 4 -18.04 -8.10 -18.39
CA THR B 4 -18.19 -7.32 -17.17
C THR B 4 -17.94 -5.83 -17.48
N GLN B 5 -18.51 -4.95 -16.65
CA GLN B 5 -18.17 -3.52 -16.70
C GLN B 5 -16.70 -3.36 -16.29
N LEU B 6 -15.98 -2.46 -16.96
CA LEU B 6 -14.63 -2.11 -16.52
C LEU B 6 -14.71 -1.15 -15.32
N GLY B 7 -14.46 -1.68 -14.13
CA GLY B 7 -14.73 -0.97 -12.88
C GLY B 7 -16.14 -0.35 -12.85
N ARG B 8 -16.19 0.94 -12.51
CA ARG B 8 -17.43 1.72 -12.40
C ARG B 8 -17.96 2.29 -13.73
N ILE B 9 -17.22 2.17 -14.86
CA ILE B 9 -17.56 2.93 -16.06
C ILE B 9 -18.50 2.12 -16.96
N GLY B 10 -18.98 2.79 -18.02
CA GLY B 10 -20.02 2.25 -18.89
C GLY B 10 -19.49 1.23 -19.91
N LEU B 11 -18.16 1.14 -20.02
CA LEU B 11 -17.51 0.25 -20.96
C LEU B 11 -17.62 -1.21 -20.52
N LYS B 12 -18.08 -2.05 -21.44
CA LYS B 12 -18.24 -3.48 -21.22
C LYS B 12 -17.05 -4.19 -21.84
N VAL B 13 -16.40 -5.07 -21.09
CA VAL B 13 -15.24 -5.80 -21.61
C VAL B 13 -15.37 -7.31 -21.37
N SER B 14 -14.80 -8.08 -22.30
CA SER B 14 -14.59 -9.50 -22.07
C SER B 14 -13.71 -9.67 -20.83
N ARG B 15 -13.95 -10.74 -20.07
CA ARG B 15 -13.14 -11.07 -18.90
C ARG B 15 -11.76 -11.53 -19.30
N LEU B 16 -11.57 -11.98 -20.54
CA LEU B 16 -10.20 -12.18 -20.99
C LEU B 16 -9.77 -10.92 -21.75
N VAL B 17 -8.56 -10.47 -21.44
CA VAL B 17 -7.91 -9.39 -22.15
C VAL B 17 -6.83 -9.99 -23.05
N LEU B 18 -6.93 -9.71 -24.35
CA LEU B 18 -5.97 -10.22 -25.30
C LEU B 18 -4.70 -9.36 -25.26
N GLY B 19 -3.64 -9.94 -24.70
CA GLY B 19 -2.32 -9.33 -24.78
C GLY B 19 -1.66 -9.57 -26.13
N THR B 20 -0.90 -8.57 -26.60
CA THR B 20 -0.39 -8.56 -27.96
C THR B 20 1.14 -8.59 -28.00
N MET B 21 1.79 -8.67 -26.84
CA MET B 21 3.24 -8.62 -26.63
C MET B 21 3.99 -9.65 -27.49
N ASN B 22 3.37 -10.78 -27.86
CA ASN B 22 4.07 -11.74 -28.72
C ASN B 22 4.00 -11.37 -30.20
N PHE B 23 3.09 -10.44 -30.57
CA PHE B 23 2.87 -10.05 -31.96
C PHE B 23 4.02 -9.16 -32.42
N GLY B 24 4.87 -9.73 -33.29
CA GLY B 24 6.10 -9.10 -33.74
C GLY B 24 7.31 -9.97 -33.42
N PRO B 25 7.77 -10.02 -32.15
CA PRO B 25 8.93 -10.85 -31.79
C PRO B 25 8.79 -12.37 -31.95
N THR B 26 7.59 -12.89 -31.64
CA THR B 26 7.38 -14.33 -31.60
C THR B 26 6.44 -14.74 -32.73
N THR B 27 5.33 -14.02 -32.88
CA THR B 27 4.32 -14.31 -33.86
C THR B 27 4.42 -13.27 -34.97
N ASP B 28 4.38 -13.73 -36.23
CA ASP B 28 4.56 -12.86 -37.37
C ASP B 28 3.24 -12.12 -37.60
N GLU B 29 3.29 -11.07 -38.44
CA GLU B 29 2.14 -10.25 -38.77
C GLU B 29 0.92 -11.13 -39.11
N ALA B 30 1.08 -12.07 -40.06
CA ALA B 30 -0.02 -12.82 -40.63
C ALA B 30 -0.70 -13.74 -39.59
N GLU B 31 0.09 -14.51 -38.86
CA GLU B 31 -0.37 -15.32 -37.73
C GLU B 31 -1.03 -14.44 -36.64
N SER B 32 -0.46 -13.25 -36.32
CA SER B 32 -1.05 -12.31 -35.37
C SER B 32 -2.47 -11.89 -35.79
N HIS B 33 -2.62 -11.51 -37.06
CA HIS B 33 -3.92 -11.16 -37.62
C HIS B 33 -4.95 -12.27 -37.44
N ALA B 34 -4.53 -13.54 -37.59
CA ALA B 34 -5.48 -14.64 -37.55
C ALA B 34 -5.92 -14.86 -36.12
N ILE B 35 -4.97 -14.72 -35.18
CA ILE B 35 -5.25 -14.86 -33.75
C ILE B 35 -6.23 -13.76 -33.30
N MET B 36 -6.07 -12.53 -33.80
CA MET B 36 -6.97 -11.46 -33.45
C MET B 36 -8.36 -11.71 -34.03
N ASP B 37 -8.43 -12.28 -35.23
CA ASP B 37 -9.71 -12.66 -35.81
C ASP B 37 -10.37 -13.77 -34.99
N ALA B 38 -9.60 -14.76 -34.53
CA ALA B 38 -10.13 -15.83 -33.71
C ALA B 38 -10.62 -15.30 -32.36
N ALA B 39 -9.88 -14.35 -31.79
CA ALA B 39 -10.27 -13.64 -30.57
C ALA B 39 -11.65 -12.99 -30.72
N LEU B 40 -11.85 -12.20 -31.78
CA LEU B 40 -13.15 -11.58 -32.05
C LEU B 40 -14.27 -12.63 -32.10
N ASP B 41 -14.01 -13.76 -32.77
CA ASP B 41 -15.06 -14.76 -32.94
C ASP B 41 -15.35 -15.48 -31.62
N ALA B 42 -14.37 -15.56 -30.72
CA ALA B 42 -14.61 -16.05 -29.37
C ALA B 42 -15.27 -14.98 -28.48
N GLY B 43 -15.43 -13.75 -28.99
CA GLY B 43 -16.12 -12.69 -28.26
C GLY B 43 -15.19 -11.79 -27.43
N ILE B 44 -13.87 -11.92 -27.62
CA ILE B 44 -12.93 -11.05 -26.92
C ILE B 44 -12.85 -9.72 -27.65
N ASN B 45 -13.16 -8.62 -26.95
CA ASN B 45 -13.25 -7.30 -27.54
C ASN B 45 -12.19 -6.37 -26.97
N PHE B 46 -11.41 -6.86 -26.00
CA PHE B 46 -10.52 -6.03 -25.20
C PHE B 46 -9.07 -6.44 -25.50
N PHE B 47 -8.35 -5.55 -26.19
CA PHE B 47 -7.02 -5.81 -26.73
C PHE B 47 -6.01 -4.86 -26.10
N ASP B 48 -4.93 -5.43 -25.54
CA ASP B 48 -3.93 -4.66 -24.84
C ASP B 48 -2.59 -4.70 -25.60
N THR B 49 -1.98 -3.52 -25.75
CA THR B 49 -0.66 -3.39 -26.34
C THR B 49 0.11 -2.29 -25.61
N ALA B 50 1.26 -1.91 -26.19
CA ALA B 50 2.13 -0.88 -25.65
C ALA B 50 3.07 -0.39 -26.76
N ASN B 51 3.51 0.86 -26.64
CA ASN B 51 4.42 1.44 -27.61
C ASN B 51 5.75 0.66 -27.63
N VAL B 52 6.28 0.26 -26.47
CA VAL B 52 7.54 -0.47 -26.38
C VAL B 52 7.46 -1.92 -26.90
N TYR B 53 6.26 -2.51 -26.97
CA TYR B 53 6.16 -3.89 -27.42
C TYR B 53 6.76 -4.03 -28.82
N GLY B 54 7.57 -5.10 -28.97
CA GLY B 54 8.45 -5.34 -30.10
C GLY B 54 9.92 -5.45 -29.66
N TRP B 55 10.34 -4.53 -28.75
CA TRP B 55 11.60 -4.56 -28.02
C TRP B 55 12.78 -4.18 -28.93
N GLY B 56 13.89 -3.84 -28.27
CA GLY B 56 15.11 -3.52 -28.97
C GLY B 56 14.93 -2.31 -29.87
N GLU B 57 15.56 -2.34 -31.04
CA GLU B 57 15.31 -1.35 -32.08
C GLU B 57 14.07 -1.70 -32.89
N ASN B 58 13.22 -2.63 -32.40
CA ASN B 58 11.96 -2.94 -33.06
C ASN B 58 10.74 -2.50 -32.22
N LYS B 59 10.96 -1.59 -31.23
CA LYS B 59 9.86 -1.09 -30.43
C LYS B 59 8.87 -0.37 -31.34
N GLY B 60 7.58 -0.66 -31.19
CA GLY B 60 6.54 -0.06 -32.03
C GLY B 60 5.87 -1.07 -32.97
N ARG B 61 6.55 -2.20 -33.19
CA ARG B 61 6.14 -3.12 -34.22
C ARG B 61 4.77 -3.72 -33.90
N THR B 62 4.57 -4.09 -32.63
CA THR B 62 3.30 -4.65 -32.22
C THR B 62 2.16 -3.70 -32.56
N GLU B 63 2.34 -2.40 -32.28
CA GLU B 63 1.33 -1.39 -32.59
C GLU B 63 1.06 -1.34 -34.09
N GLU B 64 2.13 -1.41 -34.91
CA GLU B 64 2.03 -1.47 -36.37
C GLU B 64 1.24 -2.69 -36.88
N ILE B 65 1.46 -3.85 -36.27
CA ILE B 65 0.72 -5.06 -36.61
C ILE B 65 -0.76 -4.92 -36.31
N LEU B 66 -1.13 -4.20 -35.23
CA LEU B 66 -2.56 -3.91 -35.02
C LEU B 66 -3.04 -2.91 -36.07
N GLY B 67 -2.19 -1.94 -36.42
CA GLY B 67 -2.47 -0.96 -37.46
C GLY B 67 -2.86 -1.57 -38.79
N SER B 68 -2.05 -2.55 -39.25
CA SER B 68 -2.30 -3.28 -40.48
C SER B 68 -3.52 -4.19 -40.37
N TRP B 69 -3.82 -4.72 -39.17
CA TRP B 69 -5.02 -5.50 -38.91
C TRP B 69 -6.29 -4.65 -39.12
N PHE B 70 -6.30 -3.42 -38.58
CA PHE B 70 -7.42 -2.50 -38.71
C PHE B 70 -7.63 -2.07 -40.16
N ALA B 71 -6.55 -2.05 -40.95
CA ALA B 71 -6.58 -1.55 -42.31
C ALA B 71 -7.30 -2.52 -43.25
N GLN B 72 -7.53 -3.76 -42.80
CA GLN B 72 -8.30 -4.73 -43.58
C GLN B 72 -9.80 -4.45 -43.52
N GLY B 73 -10.28 -3.57 -42.64
CA GLY B 73 -11.71 -3.33 -42.52
C GLY B 73 -12.45 -4.49 -41.85
N GLY B 74 -13.68 -4.76 -42.31
CA GLY B 74 -14.55 -5.75 -41.69
C GLY B 74 -14.87 -5.45 -40.22
N ASP B 75 -14.86 -4.15 -39.86
CA ASP B 75 -15.31 -3.69 -38.55
C ASP B 75 -14.35 -4.07 -37.41
N ARG B 76 -13.07 -4.30 -37.76
CA ARG B 76 -12.06 -4.72 -36.80
C ARG B 76 -11.79 -3.57 -35.82
N ARG B 77 -11.50 -2.36 -36.28
CA ARG B 77 -11.22 -1.28 -35.36
C ARG B 77 -12.46 -1.00 -34.50
N ASP B 78 -13.63 -1.00 -35.15
CA ASP B 78 -14.89 -0.60 -34.56
C ASP B 78 -15.25 -1.50 -33.38
N LYS B 79 -14.89 -2.79 -33.41
CA LYS B 79 -15.46 -3.65 -32.39
C LYS B 79 -14.47 -3.95 -31.27
N VAL B 80 -13.27 -3.36 -31.35
CA VAL B 80 -12.24 -3.62 -30.36
C VAL B 80 -12.14 -2.43 -29.40
N VAL B 81 -11.92 -2.73 -28.12
CA VAL B 81 -11.46 -1.75 -27.16
C VAL B 81 -9.94 -1.79 -27.18
N LEU B 82 -9.38 -0.74 -27.81
CA LEU B 82 -7.95 -0.63 -28.06
C LEU B 82 -7.28 0.07 -26.87
N ALA B 83 -6.37 -0.66 -26.23
CA ALA B 83 -5.57 -0.14 -25.12
C ALA B 83 -4.09 -0.10 -25.51
N THR B 84 -3.41 1.03 -25.25
CA THR B 84 -1.96 1.06 -25.35
C THR B 84 -1.36 1.77 -24.14
N LYS B 85 -0.04 1.99 -24.15
CA LYS B 85 0.67 2.51 -22.98
C LYS B 85 1.67 3.60 -23.32
N VAL B 86 1.98 4.40 -22.28
CA VAL B 86 2.99 5.45 -22.29
C VAL B 86 3.80 5.39 -20.99
N TYR B 87 5.12 5.64 -21.11
CA TYR B 87 6.08 5.69 -20.01
C TYR B 87 7.46 5.23 -20.53
N GLY B 88 7.47 4.13 -21.29
CA GLY B 88 8.70 3.47 -21.68
C GLY B 88 9.57 4.28 -22.64
N ASN B 89 10.88 4.03 -22.55
CA ASN B 89 11.84 4.60 -23.48
C ASN B 89 11.67 3.93 -24.83
N MET B 90 11.52 4.72 -25.90
CA MET B 90 11.31 4.20 -27.23
C MET B 90 12.59 4.32 -28.09
N GLY B 91 13.68 4.87 -27.52
CA GLY B 91 14.98 4.89 -28.17
C GLY B 91 15.76 3.61 -27.82
N LEU B 92 17.08 3.65 -27.99
CA LEU B 92 17.93 2.49 -27.66
C LEU B 92 17.94 2.28 -26.14
N ASP B 93 17.92 0.99 -25.75
CA ASP B 93 17.92 0.59 -24.34
C ASP B 93 19.19 1.11 -23.66
N GLY B 94 19.15 1.20 -22.33
CA GLY B 94 20.08 2.02 -21.57
C GLY B 94 19.41 3.29 -21.05
N PRO B 95 20.17 4.19 -20.37
CA PRO B 95 19.65 5.50 -19.93
C PRO B 95 18.95 6.31 -21.04
N ALA B 96 17.66 6.58 -20.83
CA ALA B 96 16.88 7.35 -21.77
C ALA B 96 17.39 8.79 -21.86
N TRP B 97 17.22 9.42 -23.01
CA TRP B 97 17.42 10.85 -23.09
C TRP B 97 16.38 11.52 -22.17
N PRO B 98 16.70 12.62 -21.46
CA PRO B 98 15.69 13.25 -20.59
C PRO B 98 14.37 13.53 -21.29
N ASN B 99 13.29 13.06 -20.65
CA ASN B 99 11.91 13.34 -21.02
C ASN B 99 11.50 12.47 -22.21
N HIS B 100 12.33 11.46 -22.49
CA HIS B 100 11.99 10.48 -23.50
C HIS B 100 11.53 9.17 -22.85
N ASP B 101 11.38 9.19 -21.51
CA ASP B 101 10.65 8.16 -20.75
C ASP B 101 9.89 8.91 -19.65
N LYS B 102 9.07 8.16 -18.88
CA LYS B 102 8.31 8.73 -17.77
C LYS B 102 7.13 9.57 -18.27
N LEU B 103 6.53 10.40 -17.40
CA LEU B 103 5.16 10.82 -17.63
C LEU B 103 5.01 12.33 -17.67
N SER B 104 6.10 13.03 -18.07
CA SER B 104 6.02 14.47 -18.29
C SER B 104 4.99 14.74 -19.39
N ALA B 105 4.34 15.92 -19.34
CA ALA B 105 3.45 16.29 -20.43
C ALA B 105 4.16 16.23 -21.78
N LEU B 106 5.48 16.53 -21.82
CA LEU B 106 6.28 16.42 -23.03
C LEU B 106 6.33 15.00 -23.59
N ASN B 107 6.64 14.01 -22.74
CA ASN B 107 6.73 12.61 -23.17
C ASN B 107 5.35 12.09 -23.57
N ILE B 108 4.29 12.54 -22.91
CA ILE B 108 2.96 12.06 -23.25
C ILE B 108 2.59 12.59 -24.63
N ARG B 109 2.90 13.84 -24.92
CA ARG B 109 2.55 14.41 -26.22
C ARG B 109 3.26 13.65 -27.37
N ARG B 110 4.57 13.39 -27.22
CA ARG B 110 5.31 12.72 -28.29
C ARG B 110 4.96 11.22 -28.38
N SER B 111 4.70 10.55 -27.25
CA SER B 111 4.43 9.13 -27.28
C SER B 111 3.08 8.84 -27.95
N VAL B 112 2.07 9.68 -27.68
CA VAL B 112 0.73 9.36 -28.16
C VAL B 112 0.71 9.57 -29.67
N ASP B 113 1.42 10.62 -30.13
CA ASP B 113 1.44 10.94 -31.55
C ASP B 113 2.09 9.80 -32.31
N ALA B 114 3.21 9.26 -31.82
CA ALA B 114 3.84 8.12 -32.48
C ALA B 114 2.95 6.88 -32.41
N SER B 115 2.28 6.65 -31.27
CA SER B 115 1.42 5.49 -31.12
C SER B 115 0.26 5.53 -32.12
N LEU B 116 -0.37 6.70 -32.28
CA LEU B 116 -1.53 6.86 -33.15
C LEU B 116 -1.12 6.56 -34.59
N LYS B 117 0.02 7.08 -35.01
CA LYS B 117 0.54 6.80 -36.34
C LYS B 117 0.78 5.29 -36.52
N ARG B 118 1.50 4.64 -35.60
CA ARG B 118 1.77 3.21 -35.78
C ARG B 118 0.48 2.39 -35.81
N LEU B 119 -0.55 2.81 -35.07
CA LEU B 119 -1.78 2.04 -34.97
C LEU B 119 -2.74 2.34 -36.13
N GLY B 120 -2.41 3.36 -36.93
CA GLY B 120 -3.27 3.75 -38.06
C GLY B 120 -4.74 3.88 -37.63
N THR B 121 -4.96 4.65 -36.56
CA THR B 121 -6.28 5.00 -36.05
C THR B 121 -6.20 6.44 -35.55
N ASP B 122 -7.33 7.14 -35.51
CA ASP B 122 -7.36 8.51 -34.99
C ASP B 122 -7.65 8.56 -33.50
N HIS B 123 -7.90 7.42 -32.83
CA HIS B 123 -8.14 7.46 -31.39
C HIS B 123 -7.81 6.13 -30.72
N ILE B 124 -7.32 6.24 -29.48
CA ILE B 124 -7.07 5.14 -28.58
C ILE B 124 -8.23 5.11 -27.58
N ASP B 125 -8.75 3.92 -27.27
CA ASP B 125 -9.88 3.79 -26.35
C ASP B 125 -9.41 3.93 -24.90
N LEU B 126 -8.31 3.23 -24.54
CA LEU B 126 -7.80 3.20 -23.18
C LEU B 126 -6.30 3.47 -23.21
N TYR B 127 -5.88 4.65 -22.71
CA TYR B 127 -4.49 5.02 -22.70
C TYR B 127 -3.94 4.91 -21.28
N GLN B 128 -2.94 4.04 -21.08
CA GLN B 128 -2.56 3.60 -19.76
C GLN B 128 -1.13 4.02 -19.47
N PHE B 129 -0.88 4.56 -18.27
CA PHE B 129 0.48 4.70 -17.78
C PHE B 129 1.04 3.30 -17.59
N HIS B 130 2.29 3.07 -18.02
CA HIS B 130 2.95 1.79 -17.89
C HIS B 130 3.55 1.62 -16.50
N HIS B 131 3.86 2.73 -15.83
CA HIS B 131 4.36 2.68 -14.48
C HIS B 131 4.09 4.02 -13.82
N VAL B 132 4.04 4.05 -12.49
CA VAL B 132 3.97 5.30 -11.74
C VAL B 132 5.27 6.07 -11.98
N ASP B 133 5.16 7.39 -12.05
CA ASP B 133 6.27 8.33 -12.11
C ASP B 133 6.06 9.32 -10.98
N ARG B 134 6.79 9.09 -9.90
CA ARG B 134 6.66 9.93 -8.73
C ARG B 134 7.24 11.32 -8.85
N ASP B 135 7.88 11.62 -9.97
CA ASP B 135 8.46 12.95 -10.13
C ASP B 135 7.55 13.88 -10.93
N THR B 136 6.43 13.39 -11.49
CA THR B 136 5.47 14.23 -12.20
C THR B 136 4.16 14.38 -11.41
N PRO B 137 3.71 15.63 -11.11
CA PRO B 137 2.49 15.84 -10.34
C PRO B 137 1.23 15.62 -11.19
N TRP B 138 0.12 15.35 -10.50
CA TRP B 138 -1.12 14.95 -11.15
C TRP B 138 -1.83 16.10 -11.89
N ASP B 139 -1.51 17.36 -11.53
CA ASP B 139 -2.10 18.46 -12.28
C ASP B 139 -1.43 18.56 -13.66
N GLU B 140 -0.16 18.15 -13.74
CA GLU B 140 0.53 18.11 -15.03
C GLU B 140 0.03 16.94 -15.87
N ILE B 141 -0.07 15.76 -15.24
CA ILE B 141 -0.50 14.57 -15.96
C ILE B 141 -1.92 14.76 -16.51
N TRP B 142 -2.85 15.21 -15.66
CA TRP B 142 -4.23 15.35 -16.09
C TRP B 142 -4.39 16.46 -17.13
N GLN B 143 -3.57 17.51 -17.05
CA GLN B 143 -3.51 18.46 -18.16
C GLN B 143 -3.27 17.71 -19.48
N ALA B 144 -2.20 16.91 -19.52
CA ALA B 144 -1.82 16.21 -20.73
C ALA B 144 -2.95 15.31 -21.25
N MET B 145 -3.55 14.52 -20.35
CA MET B 145 -4.56 13.56 -20.74
C MET B 145 -5.83 14.29 -21.18
N ASP B 146 -6.18 15.40 -20.53
CA ASP B 146 -7.39 16.13 -20.89
C ASP B 146 -7.27 16.79 -22.27
N VAL B 147 -6.08 17.33 -22.63
CA VAL B 147 -5.84 17.81 -23.99
C VAL B 147 -6.25 16.72 -24.97
N LEU B 148 -5.73 15.51 -24.77
CA LEU B 148 -6.01 14.40 -25.68
C LEU B 148 -7.50 14.05 -25.69
N VAL B 149 -8.14 14.07 -24.50
CA VAL B 149 -9.56 13.75 -24.40
C VAL B 149 -10.42 14.77 -25.16
N ARG B 150 -10.05 16.05 -25.09
CA ARG B 150 -10.87 17.08 -25.73
C ARG B 150 -10.64 17.15 -27.23
N GLN B 151 -9.50 16.63 -27.69
CA GLN B 151 -9.22 16.51 -29.11
C GLN B 151 -9.85 15.23 -29.70
N GLY B 152 -10.39 14.33 -28.88
CA GLY B 152 -11.05 13.13 -29.38
C GLY B 152 -10.04 12.00 -29.64
N LYS B 153 -8.82 12.13 -29.13
CA LYS B 153 -7.77 11.19 -29.47
C LYS B 153 -7.67 10.05 -28.46
N ILE B 154 -8.17 10.26 -27.22
CA ILE B 154 -8.35 9.17 -26.26
C ILE B 154 -9.74 9.30 -25.67
N LEU B 155 -10.25 8.20 -25.09
CA LEU B 155 -11.55 8.19 -24.42
C LEU B 155 -11.32 8.06 -22.91
N TYR B 156 -10.52 7.04 -22.54
CA TYR B 156 -10.33 6.68 -21.14
C TYR B 156 -8.84 6.62 -20.78
N VAL B 157 -8.57 6.82 -19.48
CA VAL B 157 -7.24 6.74 -18.93
C VAL B 157 -7.17 5.61 -17.92
N GLY B 158 -6.07 4.85 -17.96
CA GLY B 158 -5.85 3.79 -16.98
C GLY B 158 -4.40 3.79 -16.48
N SER B 159 -4.14 2.88 -15.53
CA SER B 159 -2.82 2.75 -14.91
C SER B 159 -2.31 1.32 -15.01
N SER B 160 -1.01 1.23 -14.72
CA SER B 160 -0.26 -0.01 -14.68
C SER B 160 0.91 0.18 -13.71
N ASN B 161 1.11 -0.78 -12.79
CA ASN B 161 2.24 -0.75 -11.86
C ASN B 161 2.25 0.56 -11.06
N PHE B 162 1.11 0.77 -10.38
CA PHE B 162 0.92 1.80 -9.37
C PHE B 162 0.80 1.20 -7.96
N ALA B 163 1.18 1.98 -6.95
CA ALA B 163 0.75 1.78 -5.57
C ALA B 163 -0.68 2.32 -5.39
N GLY B 164 -1.39 1.75 -4.40
CA GLY B 164 -2.76 2.14 -4.08
C GLY B 164 -2.94 3.65 -3.83
N TRP B 165 -2.00 4.26 -3.10
CA TRP B 165 -2.08 5.68 -2.83
C TRP B 165 -1.97 6.51 -4.12
N ASN B 166 -1.30 5.98 -5.15
CA ASN B 166 -1.19 6.71 -6.40
C ASN B 166 -2.54 6.71 -7.11
N ILE B 167 -3.30 5.63 -7.00
CA ILE B 167 -4.64 5.53 -7.57
C ILE B 167 -5.56 6.54 -6.89
N ALA B 168 -5.50 6.59 -5.55
CA ALA B 168 -6.32 7.54 -4.82
C ALA B 168 -5.95 8.96 -5.21
N GLN B 169 -4.66 9.30 -5.23
CA GLN B 169 -4.29 10.69 -5.48
C GLN B 169 -4.72 11.09 -6.89
N ALA B 170 -4.51 10.18 -7.85
CA ALA B 170 -4.88 10.39 -9.23
C ALA B 170 -6.36 10.71 -9.32
N ASN B 171 -7.22 9.83 -8.80
CA ASN B 171 -8.65 9.97 -9.04
C ASN B 171 -9.22 11.16 -8.29
N GLU B 172 -8.70 11.45 -7.10
CA GLU B 172 -9.13 12.60 -6.33
C GLU B 172 -8.75 13.88 -7.09
N THR B 173 -7.57 13.91 -7.70
CA THR B 173 -7.17 15.11 -8.42
C THR B 173 -8.12 15.33 -9.59
N ALA B 174 -8.43 14.24 -10.28
CA ALA B 174 -9.28 14.31 -11.45
C ALA B 174 -10.68 14.82 -11.10
N ALA B 175 -11.29 14.25 -10.05
CA ALA B 175 -12.66 14.57 -9.65
C ALA B 175 -12.82 16.02 -9.22
N ARG B 176 -11.80 16.56 -8.56
CA ARG B 176 -11.77 17.95 -8.16
C ARG B 176 -12.22 18.91 -9.27
N HIS B 177 -11.81 18.62 -10.49
CA HIS B 177 -12.21 19.50 -11.58
C HIS B 177 -13.13 18.81 -12.60
N GLY B 178 -13.81 17.74 -12.19
CA GLY B 178 -14.87 17.16 -12.99
C GLY B 178 -14.39 16.11 -14.00
N ARG B 179 -13.09 15.87 -14.04
CA ARG B 179 -12.56 14.89 -14.93
C ARG B 179 -12.70 13.44 -14.54
N LEU B 180 -13.06 12.58 -15.47
CA LEU B 180 -13.06 11.13 -15.28
C LEU B 180 -11.64 10.66 -14.98
N GLY B 181 -11.45 9.98 -13.85
CA GLY B 181 -10.11 9.57 -13.43
C GLY B 181 -9.72 8.24 -14.06
N LEU B 182 -8.76 7.55 -13.45
CA LEU B 182 -8.34 6.23 -13.90
C LEU B 182 -9.56 5.31 -13.87
N VAL B 183 -9.68 4.47 -14.91
CA VAL B 183 -10.76 3.50 -15.00
C VAL B 183 -10.29 2.06 -14.77
N SER B 184 -8.96 1.83 -14.72
CA SER B 184 -8.41 0.49 -14.57
C SER B 184 -6.95 0.54 -14.12
N GLU B 185 -6.52 -0.50 -13.41
CA GLU B 185 -5.13 -0.71 -13.05
C GLU B 185 -4.69 -2.10 -13.51
N GLN B 186 -3.53 -2.14 -14.15
CA GLN B 186 -2.95 -3.40 -14.60
C GLN B 186 -1.82 -3.75 -13.62
N CYS B 187 -2.00 -4.78 -12.78
CA CYS B 187 -1.00 -5.11 -11.77
C CYS B 187 -0.54 -6.58 -11.85
N LEU B 188 0.68 -6.83 -11.38
CA LEU B 188 1.20 -8.19 -11.32
C LEU B 188 0.50 -8.88 -10.15
N TYR B 189 -0.25 -9.92 -10.49
CA TYR B 189 -1.13 -10.60 -9.57
C TYR B 189 -1.34 -12.02 -10.09
N ASN B 190 -0.98 -13.01 -9.26
CA ASN B 190 -1.09 -14.43 -9.58
C ASN B 190 -0.89 -15.23 -8.29
N LEU B 191 -1.08 -16.57 -8.35
CA LEU B 191 -1.00 -17.41 -7.15
C LEU B 191 0.31 -17.18 -6.38
N CYS B 192 1.45 -17.11 -7.08
CA CYS B 192 2.73 -16.93 -6.41
C CYS B 192 2.92 -15.53 -5.83
N GLU B 193 2.31 -14.50 -6.43
CA GLU B 193 2.59 -13.13 -6.02
C GLU B 193 1.27 -12.41 -5.78
N ARG B 194 0.96 -12.21 -4.49
CA ARG B 194 -0.36 -11.76 -4.07
C ARG B 194 -0.26 -10.47 -3.24
N ARG B 195 0.88 -9.76 -3.32
CA ARG B 195 1.01 -8.55 -2.51
C ARG B 195 0.17 -7.39 -3.06
N ALA B 196 -0.42 -7.55 -4.26
CA ALA B 196 -1.34 -6.57 -4.80
C ALA B 196 -2.57 -6.46 -3.88
N GLU B 197 -2.86 -7.54 -3.14
CA GLU B 197 -3.98 -7.61 -2.21
C GLU B 197 -3.84 -6.70 -0.99
N MET B 198 -2.61 -6.25 -0.67
CA MET B 198 -2.39 -5.42 0.50
C MET B 198 -3.06 -4.04 0.32
N GLU B 199 -2.77 -3.34 -0.77
CA GLU B 199 -3.26 -1.98 -0.95
C GLU B 199 -3.70 -1.65 -2.38
N VAL B 200 -3.10 -2.27 -3.39
CA VAL B 200 -3.40 -1.93 -4.77
C VAL B 200 -4.85 -2.28 -5.11
N VAL B 201 -5.24 -3.54 -4.83
CA VAL B 201 -6.59 -3.99 -5.16
C VAL B 201 -7.62 -3.35 -4.23
N PRO B 202 -7.39 -3.22 -2.90
CA PRO B 202 -8.33 -2.44 -2.08
C PRO B 202 -8.59 -1.01 -2.59
N ALA B 203 -7.55 -0.28 -3.00
CA ALA B 203 -7.70 1.08 -3.51
C ALA B 203 -8.49 1.12 -4.83
N ALA B 204 -8.10 0.24 -5.73
CA ALA B 204 -8.74 0.09 -7.03
C ALA B 204 -10.24 -0.13 -6.84
N ARG B 205 -10.59 -1.03 -5.91
CA ARG B 205 -11.99 -1.35 -5.66
C ARG B 205 -12.69 -0.16 -5.01
N GLU B 206 -12.05 0.50 -4.05
CA GLU B 206 -12.66 1.68 -3.46
C GLU B 206 -12.96 2.72 -4.53
N TYR B 207 -12.03 2.94 -5.49
CA TYR B 207 -12.18 4.02 -6.47
C TYR B 207 -12.84 3.55 -7.79
N GLY B 208 -13.44 2.34 -7.81
CA GLY B 208 -14.17 1.84 -8.97
C GLY B 208 -13.30 1.61 -10.23
N LEU B 209 -12.02 1.26 -10.07
CA LEU B 209 -11.20 0.83 -11.20
C LEU B 209 -11.43 -0.67 -11.46
N GLY B 210 -11.47 -1.06 -12.74
CA GLY B 210 -11.19 -2.43 -13.10
C GLY B 210 -9.76 -2.84 -12.73
N VAL B 211 -9.60 -4.08 -12.30
CA VAL B 211 -8.29 -4.64 -12.00
C VAL B 211 -7.95 -5.70 -13.05
N ILE B 212 -6.81 -5.49 -13.72
CA ILE B 212 -6.34 -6.38 -14.76
C ILE B 212 -5.03 -6.99 -14.32
N ALA B 213 -4.96 -8.33 -14.29
CA ALA B 213 -3.78 -9.01 -13.77
C ALA B 213 -2.82 -9.38 -14.91
N TRP B 214 -1.60 -8.85 -14.85
CA TRP B 214 -0.58 -9.27 -15.79
C TRP B 214 0.34 -10.29 -15.12
N SER B 215 1.19 -10.94 -15.94
CA SER B 215 1.93 -12.14 -15.59
C SER B 215 1.05 -13.13 -14.82
N PRO B 216 -0.10 -13.58 -15.36
CA PRO B 216 -1.03 -14.42 -14.60
C PRO B 216 -0.55 -15.85 -14.30
N LEU B 217 0.51 -16.30 -14.99
CA LEU B 217 1.12 -17.60 -14.72
C LEU B 217 2.50 -17.44 -14.08
N HIS B 218 2.76 -16.24 -13.52
CA HIS B 218 4.04 -15.89 -12.96
C HIS B 218 5.20 -16.28 -13.91
N GLY B 219 5.09 -15.84 -15.17
CA GLY B 219 6.15 -16.01 -16.16
C GLY B 219 6.34 -17.47 -16.59
N GLY B 220 5.27 -18.27 -16.54
CA GLY B 220 5.31 -19.67 -16.97
C GLY B 220 5.17 -20.64 -15.79
N LEU B 221 5.78 -20.25 -14.66
CA LEU B 221 5.98 -21.09 -13.49
C LEU B 221 4.70 -21.80 -13.02
N LEU B 222 3.52 -21.21 -13.29
CA LEU B 222 2.25 -21.81 -12.91
C LEU B 222 1.63 -22.58 -14.09
N GLY B 223 2.36 -22.71 -15.20
CA GLY B 223 1.85 -23.40 -16.38
C GLY B 223 2.36 -24.83 -16.53
N GLY B 224 2.72 -25.48 -15.41
CA GLY B 224 3.19 -26.85 -15.42
C GLY B 224 4.70 -26.95 -15.66
N ALA B 225 5.47 -26.03 -15.07
CA ALA B 225 6.89 -25.88 -15.37
C ALA B 225 7.74 -27.07 -14.88
N ILE B 226 7.22 -27.86 -13.93
CA ILE B 226 7.95 -29.02 -13.43
C ILE B 226 7.74 -30.20 -14.39
N ARG B 227 6.49 -30.50 -14.71
CA ARG B 227 6.18 -31.59 -15.61
C ARG B 227 7.03 -31.51 -16.87
N LYS B 228 7.22 -30.31 -17.36
CA LYS B 228 8.00 -30.16 -18.59
C LYS B 228 9.46 -29.84 -18.26
N GLU B 229 10.02 -30.58 -17.29
CA GLU B 229 11.45 -30.59 -17.03
C GLU B 229 11.94 -29.15 -16.84
N ALA B 242 11.12 -17.11 -12.67
CA ALA B 242 10.54 -18.25 -13.41
C ALA B 242 11.45 -19.47 -13.27
N ALA B 243 12.66 -19.37 -13.86
CA ALA B 243 13.69 -20.39 -13.72
C ALA B 243 14.30 -20.32 -12.33
N ASP B 244 14.44 -19.07 -11.82
CA ASP B 244 15.06 -18.78 -10.53
C ASP B 244 14.26 -19.36 -9.37
N ALA B 245 12.95 -19.57 -9.58
CA ALA B 245 12.11 -20.16 -8.54
C ALA B 245 12.32 -21.67 -8.46
N LEU B 246 12.76 -22.29 -9.56
CA LEU B 246 12.90 -23.74 -9.61
C LEU B 246 14.16 -24.19 -8.87
N LYS B 247 15.15 -23.29 -8.73
CA LYS B 247 16.41 -23.59 -8.06
C LYS B 247 16.24 -23.49 -6.55
N ASP B 248 15.51 -22.47 -6.08
CA ASP B 248 15.13 -22.36 -4.67
C ASP B 248 14.18 -23.50 -4.31
N PRO B 249 14.59 -24.48 -3.45
CA PRO B 249 13.75 -25.64 -3.16
C PRO B 249 12.48 -25.35 -2.38
N GLN B 250 12.42 -24.19 -1.71
CA GLN B 250 11.25 -23.78 -0.96
C GLN B 250 10.10 -23.50 -1.94
N GLN B 251 10.38 -22.68 -2.95
CA GLN B 251 9.42 -22.33 -3.98
C GLN B 251 9.16 -23.53 -4.91
N ARG B 252 10.20 -24.32 -5.22
CA ARG B 252 10.04 -25.52 -6.03
C ARG B 252 9.00 -26.45 -5.42
N GLU B 253 9.05 -26.65 -4.09
CA GLU B 253 8.14 -27.56 -3.42
C GLU B 253 6.71 -27.01 -3.51
N GLN B 254 6.61 -25.68 -3.49
CA GLN B 254 5.33 -24.98 -3.61
C GLN B 254 4.64 -25.35 -4.93
N ILE B 255 5.38 -25.29 -6.04
CA ILE B 255 4.85 -25.59 -7.37
C ILE B 255 4.58 -27.08 -7.53
N GLN B 256 5.41 -27.90 -6.87
CA GLN B 256 5.28 -29.34 -6.89
C GLN B 256 3.96 -29.72 -6.22
N ARG B 257 3.69 -29.11 -5.07
CA ARG B 257 2.42 -29.32 -4.39
C ARG B 257 1.26 -28.87 -5.30
N TYR B 258 1.51 -27.82 -6.10
CA TYR B 258 0.52 -27.25 -7.03
C TYR B 258 0.18 -28.26 -8.12
N GLU B 259 1.24 -28.74 -8.79
CA GLU B 259 1.08 -29.68 -9.91
C GLU B 259 0.47 -30.99 -9.43
N ASP B 260 0.92 -31.49 -8.27
CA ASP B 260 0.36 -32.72 -7.71
C ASP B 260 -1.12 -32.56 -7.42
N LEU B 261 -1.52 -31.40 -6.87
CA LEU B 261 -2.93 -31.19 -6.56
C LEU B 261 -3.79 -31.24 -7.82
N LEU B 262 -3.25 -30.75 -8.94
CA LEU B 262 -4.03 -30.55 -10.16
C LEU B 262 -4.11 -31.83 -11.00
N ASP B 263 -3.06 -32.67 -10.97
CA ASP B 263 -3.14 -34.05 -11.44
C ASP B 263 -4.33 -34.76 -10.78
N LYS B 264 -4.36 -34.78 -9.44
CA LYS B 264 -5.42 -35.43 -8.70
C LYS B 264 -6.80 -35.00 -9.20
N HIS B 265 -7.04 -33.70 -9.42
CA HIS B 265 -8.38 -33.25 -9.77
C HIS B 265 -8.60 -33.28 -11.29
N GLY B 266 -7.52 -33.49 -12.05
CA GLY B 266 -7.60 -33.57 -13.50
C GLY B 266 -7.86 -32.21 -14.15
N LEU B 267 -6.92 -31.27 -13.95
CA LEU B 267 -7.03 -29.89 -14.42
C LEU B 267 -5.66 -29.44 -14.92
N GLU B 268 -5.63 -28.55 -15.92
CA GLU B 268 -4.39 -28.02 -16.47
C GLU B 268 -3.92 -26.80 -15.66
N PRO B 269 -2.63 -26.78 -15.24
CA PRO B 269 -2.10 -25.66 -14.45
C PRO B 269 -2.18 -24.31 -15.16
N GLY B 270 -1.89 -24.28 -16.46
CA GLY B 270 -2.18 -23.13 -17.31
C GLY B 270 -3.60 -22.57 -17.09
N GLU B 271 -4.62 -23.43 -17.15
CA GLU B 271 -6.01 -23.00 -17.10
C GLU B 271 -6.42 -22.56 -15.69
N VAL B 272 -5.92 -23.20 -14.63
CA VAL B 272 -6.43 -22.86 -13.29
C VAL B 272 -5.81 -21.55 -12.82
N ALA B 273 -4.54 -21.31 -13.17
CA ALA B 273 -3.91 -20.04 -12.85
C ALA B 273 -4.80 -18.85 -13.25
N LEU B 274 -5.45 -18.96 -14.44
CA LEU B 274 -6.32 -17.93 -15.01
C LEU B 274 -7.69 -17.93 -14.35
N ALA B 275 -8.28 -19.12 -14.16
CA ALA B 275 -9.57 -19.24 -13.53
C ALA B 275 -9.52 -18.77 -12.07
N TRP B 276 -8.38 -18.96 -11.40
CA TRP B 276 -8.23 -18.54 -10.01
C TRP B 276 -8.34 -17.02 -9.91
N LEU B 277 -7.62 -16.31 -10.80
CA LEU B 277 -7.69 -14.85 -10.89
C LEU B 277 -9.13 -14.39 -11.16
N LEU B 278 -9.90 -15.16 -11.95
CA LEU B 278 -11.26 -14.76 -12.25
C LEU B 278 -12.17 -14.88 -11.04
N THR B 279 -11.70 -15.50 -9.94
CA THR B 279 -12.50 -15.61 -8.72
C THR B 279 -12.19 -14.49 -7.72
N ARG B 280 -11.12 -13.73 -7.92
CA ARG B 280 -10.66 -12.81 -6.88
C ARG B 280 -11.53 -11.54 -6.89
N PRO B 281 -11.96 -11.02 -5.72
CA PRO B 281 -12.80 -9.82 -5.68
C PRO B 281 -12.06 -8.67 -6.35
N GLY B 282 -12.78 -8.00 -7.26
CA GLY B 282 -12.35 -6.77 -7.91
C GLY B 282 -11.63 -6.99 -9.24
N VAL B 283 -11.25 -8.25 -9.53
CA VAL B 283 -10.47 -8.57 -10.73
C VAL B 283 -11.40 -8.61 -11.96
N THR B 284 -11.06 -7.76 -12.94
CA THR B 284 -11.79 -7.74 -14.21
C THR B 284 -11.49 -9.06 -14.93
N GLY B 285 -10.19 -9.29 -15.16
CA GLY B 285 -9.71 -10.59 -15.60
C GLY B 285 -8.22 -10.54 -15.90
N PRO B 286 -7.64 -11.69 -16.32
CA PRO B 286 -6.22 -11.77 -16.68
C PRO B 286 -5.95 -11.35 -18.12
N ILE B 287 -4.72 -10.87 -18.35
CA ILE B 287 -4.17 -10.75 -19.69
C ILE B 287 -3.62 -12.10 -20.12
N VAL B 288 -4.10 -12.56 -21.28
CA VAL B 288 -3.64 -13.80 -21.90
C VAL B 288 -2.87 -13.43 -23.16
N GLY B 289 -1.64 -13.93 -23.28
CA GLY B 289 -0.76 -13.67 -24.42
C GLY B 289 -0.51 -14.92 -25.26
N PRO B 290 -1.45 -15.38 -26.11
CA PRO B 290 -1.21 -16.55 -26.95
C PRO B 290 -0.22 -16.24 -28.06
N ARG B 291 0.56 -17.25 -28.43
CA ARG B 291 1.49 -17.11 -29.52
C ARG B 291 0.87 -17.85 -30.68
N THR B 292 -0.19 -18.63 -30.42
CA THR B 292 -0.84 -19.43 -31.45
C THR B 292 -2.33 -19.51 -31.18
N ALA B 293 -3.08 -19.97 -32.19
CA ALA B 293 -4.52 -20.15 -32.06
C ALA B 293 -4.86 -21.14 -30.96
N ASP B 294 -3.99 -22.14 -30.71
CA ASP B 294 -4.29 -23.19 -29.75
C ASP B 294 -4.08 -22.72 -28.31
N GLN B 295 -3.14 -21.80 -28.10
CA GLN B 295 -2.98 -21.15 -26.81
C GLN B 295 -4.20 -20.27 -26.50
N LEU B 296 -4.89 -19.75 -27.55
CA LEU B 296 -6.08 -18.93 -27.38
C LEU B 296 -7.28 -19.78 -26.99
N ALA B 297 -7.50 -20.90 -27.69
CA ALA B 297 -8.56 -21.83 -27.35
C ALA B 297 -8.45 -22.27 -25.88
N SER B 298 -7.22 -22.49 -25.42
CA SER B 298 -6.97 -22.91 -24.05
C SER B 298 -7.32 -21.82 -23.03
N ALA B 299 -7.08 -20.54 -23.37
CA ALA B 299 -7.46 -19.44 -22.48
C ALA B 299 -8.98 -19.36 -22.36
N VAL B 300 -9.70 -19.64 -23.45
CA VAL B 300 -11.16 -19.56 -23.49
C VAL B 300 -11.76 -20.67 -22.61
N ARG B 301 -11.11 -21.81 -22.55
CA ARG B 301 -11.58 -22.90 -21.70
C ARG B 301 -11.36 -22.54 -20.25
N ALA B 302 -10.25 -21.88 -19.95
CA ALA B 302 -9.97 -21.40 -18.60
C ALA B 302 -11.04 -20.40 -18.12
N ALA B 303 -11.56 -19.57 -19.04
CA ALA B 303 -12.63 -18.63 -18.69
C ALA B 303 -13.93 -19.36 -18.34
N GLU B 304 -14.14 -20.58 -18.86
CA GLU B 304 -15.38 -21.33 -18.67
C GLU B 304 -15.29 -22.20 -17.40
N LEU B 305 -14.06 -22.59 -17.05
CA LEU B 305 -13.75 -23.52 -15.97
C LEU B 305 -14.28 -23.03 -14.63
N THR B 306 -15.12 -23.86 -13.97
CA THR B 306 -15.51 -23.58 -12.59
C THR B 306 -14.59 -24.38 -11.65
N LEU B 307 -13.99 -23.68 -10.68
CA LEU B 307 -13.15 -24.28 -9.64
C LEU B 307 -14.02 -24.48 -8.40
N THR B 308 -13.88 -25.66 -7.77
CA THR B 308 -14.66 -26.00 -6.59
C THR B 308 -14.08 -25.29 -5.37
N ASP B 309 -14.93 -25.10 -4.36
CA ASP B 309 -14.55 -24.58 -3.06
C ASP B 309 -13.40 -25.42 -2.48
N GLU B 310 -13.38 -26.72 -2.78
CA GLU B 310 -12.38 -27.62 -2.23
C GLU B 310 -11.00 -27.26 -2.82
N VAL B 311 -10.97 -27.02 -4.13
CA VAL B 311 -9.76 -26.67 -4.86
C VAL B 311 -9.31 -25.25 -4.48
N LEU B 312 -10.28 -24.33 -4.36
CA LEU B 312 -10.05 -22.95 -3.96
C LEU B 312 -9.37 -22.96 -2.59
N THR B 313 -9.86 -23.86 -1.71
CA THR B 313 -9.36 -23.96 -0.36
C THR B 313 -7.90 -24.39 -0.36
N ALA B 314 -7.55 -25.40 -1.16
CA ALA B 314 -6.21 -25.96 -1.11
C ALA B 314 -5.20 -25.06 -1.81
N LEU B 315 -5.65 -24.30 -2.81
CA LEU B 315 -4.77 -23.33 -3.47
C LEU B 315 -4.32 -22.28 -2.46
N ASP B 316 -5.27 -21.81 -1.64
CA ASP B 316 -5.02 -20.85 -0.58
C ASP B 316 -4.05 -21.39 0.47
N GLU B 317 -4.08 -22.71 0.75
CA GLU B 317 -3.13 -23.33 1.66
C GLU B 317 -1.73 -23.24 1.11
N ILE B 318 -1.59 -23.58 -0.18
CA ILE B 318 -0.28 -23.62 -0.82
C ILE B 318 0.24 -22.21 -1.10
N PHE B 319 -0.69 -21.31 -1.45
CA PHE B 319 -0.38 -19.96 -1.94
C PHE B 319 -1.08 -18.92 -1.07
N PRO B 320 -0.71 -18.79 0.21
CA PRO B 320 -1.44 -17.90 1.11
C PRO B 320 -1.25 -16.43 0.69
N GLY B 321 -2.32 -15.65 0.82
CA GLY B 321 -2.28 -14.23 0.52
C GLY B 321 -1.96 -13.42 1.77
N PRO B 322 -1.38 -12.21 1.66
CA PRO B 322 -1.02 -11.43 2.85
C PRO B 322 -2.17 -10.72 3.56
N GLY B 323 -3.34 -10.63 2.90
CA GLY B 323 -4.43 -9.83 3.42
C GLY B 323 -4.23 -8.32 3.20
N PRO B 324 -5.24 -7.49 3.53
CA PRO B 324 -5.12 -6.04 3.39
C PRO B 324 -4.23 -5.40 4.45
N SER B 325 -3.55 -4.33 4.07
CA SER B 325 -2.93 -3.46 5.07
C SER B 325 -4.02 -2.67 5.76
N PRO B 326 -3.87 -2.32 7.06
CA PRO B 326 -2.67 -2.67 7.87
C PRO B 326 -2.65 -4.05 8.54
N GLU B 327 -3.73 -4.82 8.43
CA GLU B 327 -3.83 -6.14 9.06
C GLU B 327 -2.69 -7.06 8.61
N ALA B 328 -2.14 -6.89 7.42
CA ALA B 328 -1.10 -7.80 6.95
C ALA B 328 0.15 -7.70 7.80
N PHE B 329 0.40 -6.54 8.44
CA PHE B 329 1.65 -6.43 9.15
C PHE B 329 1.46 -5.89 10.56
N ALA B 330 0.25 -5.40 10.92
CA ALA B 330 -0.06 -4.84 12.25
C ALA B 330 -1.27 -5.58 12.87
N TRP B 331 -2.49 -5.00 12.91
CA TRP B 331 -3.66 -5.71 13.45
C TRP B 331 -5.00 -5.26 12.82
#